data_6LF1
#
_entry.id   6LF1
#
_cell.length_a   86.216
_cell.length_b   86.216
_cell.length_c   67.627
_cell.angle_alpha   90.000
_cell.angle_beta   90.000
_cell.angle_gamma   120.000
#
_symmetry.space_group_name_H-M   'P 3 2 1'
#
loop_
_entity.id
_entity.type
_entity.pdbx_description
1 polymer SeviL
2 non-polymer 'CHLORIDE ION'
3 water water
#
_entity_poly.entity_id   1
_entity_poly.type   'polypeptide(L)'
_entity_poly.pdbx_seq_one_letter_code
;GSHMSSVTIGKCYIQNRENGGRAFYNLGRKDLGIFTGKMYDDQIWSFQKSDTPGYYTIGRESKFLQYNGEQVIMSDIEQD
TTLWSLEEVPEDKGFYRLLNKVHKAYLDYNGGDLVANKHQTESEKWILFKAY
;
_entity_poly.pdbx_strand_id   A,B
#
# COMPACT_ATOMS: atom_id res chain seq x y z
N VAL A 7 2.65 -13.38 2.79
CA VAL A 7 1.73 -14.02 1.84
C VAL A 7 0.30 -13.87 2.33
N THR A 8 -0.28 -12.68 2.13
CA THR A 8 -1.60 -12.37 2.67
C THR A 8 -2.68 -13.28 2.07
N ILE A 9 -3.61 -13.71 2.90
CA ILE A 9 -4.80 -14.44 2.46
C ILE A 9 -6.03 -13.71 3.00
N GLY A 10 -6.97 -13.40 2.11
CA GLY A 10 -8.12 -12.57 2.44
C GLY A 10 -8.11 -11.28 1.64
N LYS A 11 -8.69 -10.24 2.23
CA LYS A 11 -8.85 -8.96 1.53
C LYS A 11 -7.53 -8.20 1.51
N CYS A 12 -7.15 -7.72 0.33
CA CYS A 12 -5.84 -7.09 0.16
C CYS A 12 -5.85 -6.10 -1.00
N TYR A 13 -4.92 -5.16 -0.97
CA TYR A 13 -4.60 -4.36 -2.14
C TYR A 13 -3.48 -5.04 -2.89
N ILE A 14 -3.39 -4.78 -4.19
CA ILE A 14 -2.36 -5.37 -5.04
C ILE A 14 -1.67 -4.22 -5.75
N GLN A 15 -0.48 -3.83 -5.26
CA GLN A 15 0.14 -2.57 -5.64
C GLN A 15 1.51 -2.81 -6.26
N ASN A 16 1.83 -2.02 -7.28
CA ASN A 16 3.04 -2.21 -8.07
C ASN A 16 4.19 -1.38 -7.52
N ARG A 17 5.37 -1.99 -7.42
CA ARG A 17 6.53 -1.28 -6.90
C ARG A 17 6.94 -0.10 -7.77
N GLU A 18 6.74 -0.20 -9.09
CA GLU A 18 7.33 0.80 -9.99
C GLU A 18 6.61 2.14 -9.91
N ASN A 19 5.29 2.15 -9.68
CA ASN A 19 4.54 3.39 -9.71
C ASN A 19 3.58 3.56 -8.54
N GLY A 20 3.58 2.63 -7.59
CA GLY A 20 2.63 2.67 -6.51
C GLY A 20 1.19 2.47 -6.94
N GLY A 21 0.96 2.06 -8.18
CA GLY A 21 -0.39 1.90 -8.69
C GLY A 21 -1.04 0.62 -8.20
N ARG A 22 -2.37 0.67 -8.05
CA ARG A 22 -3.16 -0.44 -7.54
C ARG A 22 -4.07 -1.02 -8.61
N ALA A 23 -4.06 -2.36 -8.71
CA ALA A 23 -5.04 -3.04 -9.55
C ALA A 23 -6.45 -2.80 -9.02
N PHE A 24 -7.41 -2.66 -9.93
CA PHE A 24 -8.78 -2.44 -9.49
C PHE A 24 -9.74 -3.12 -10.46
N TYR A 25 -10.93 -3.47 -9.94
CA TYR A 25 -12.04 -3.88 -10.81
C TYR A 25 -13.32 -3.25 -10.30
N ASN A 26 -13.97 -2.47 -11.15
CA ASN A 26 -15.26 -1.89 -10.81
C ASN A 26 -16.35 -2.64 -11.56
N LEU A 27 -17.23 -3.31 -10.82
CA LEU A 27 -18.26 -4.15 -11.46
C LEU A 27 -19.23 -3.31 -12.27
N GLY A 28 -19.74 -2.22 -11.69
CA GLY A 28 -20.78 -1.46 -12.36
C GLY A 28 -20.31 -0.89 -13.69
N ARG A 29 -19.05 -0.45 -13.74
CA ARG A 29 -18.48 0.07 -14.97
C ARG A 29 -17.70 -0.98 -15.77
N LYS A 30 -17.69 -2.23 -15.31
CA LYS A 30 -16.94 -3.32 -15.95
C LYS A 30 -15.53 -2.88 -16.34
N ASP A 31 -14.82 -2.32 -15.36
CA ASP A 31 -13.57 -1.59 -15.59
C ASP A 31 -12.44 -2.22 -14.79
N LEU A 32 -11.49 -2.85 -15.48
CA LEU A 32 -10.30 -3.47 -14.90
C LEU A 32 -9.07 -2.67 -15.30
N GLY A 33 -8.20 -2.37 -14.34
CA GLY A 33 -6.97 -1.66 -14.69
C GLY A 33 -6.05 -1.48 -13.50
N ILE A 34 -5.15 -0.51 -13.61
CA ILE A 34 -4.30 -0.09 -12.50
C ILE A 34 -4.46 1.42 -12.33
N PHE A 35 -4.47 1.89 -11.08
CA PHE A 35 -4.74 3.29 -10.79
C PHE A 35 -3.71 3.83 -9.81
N THR A 36 -3.16 5.01 -10.11
CA THR A 36 -2.06 5.56 -9.32
C THR A 36 -2.51 6.67 -8.37
N GLY A 37 -3.79 7.01 -8.36
CA GLY A 37 -4.30 8.05 -7.49
C GLY A 37 -4.92 7.55 -6.21
N LYS A 38 -6.08 8.11 -5.86
CA LYS A 38 -6.77 7.82 -4.61
C LYS A 38 -7.05 6.32 -4.45
N MET A 39 -7.08 5.88 -3.19
CA MET A 39 -7.32 4.48 -2.84
C MET A 39 -8.83 4.24 -2.70
N TYR A 40 -9.46 3.74 -3.75
CA TYR A 40 -10.89 3.44 -3.73
C TYR A 40 -11.15 1.99 -3.32
N ASP A 41 -12.38 1.76 -2.84
CA ASP A 41 -12.88 0.44 -2.46
C ASP A 41 -12.68 -0.62 -3.52
N ASP A 42 -12.72 -0.25 -4.80
CA ASP A 42 -12.64 -1.27 -5.84
C ASP A 42 -11.21 -1.70 -6.11
N GLN A 43 -10.28 -1.29 -5.26
CA GLN A 43 -8.92 -1.80 -5.31
C GLN A 43 -8.69 -2.90 -4.29
N ILE A 44 -9.74 -3.35 -3.59
CA ILE A 44 -9.62 -4.39 -2.58
C ILE A 44 -10.02 -5.73 -3.17
N TRP A 45 -9.09 -6.68 -3.15
CA TRP A 45 -9.23 -7.98 -3.77
C TRP A 45 -9.31 -9.06 -2.70
N SER A 46 -9.86 -10.22 -3.09
CA SER A 46 -9.83 -11.40 -2.25
C SER A 46 -8.77 -12.34 -2.79
N PHE A 47 -7.72 -12.55 -2.03
CA PHE A 47 -6.63 -13.45 -2.40
C PHE A 47 -6.85 -14.77 -1.67
N GLN A 48 -7.11 -15.84 -2.43
CA GLN A 48 -7.50 -17.11 -1.83
C GLN A 48 -6.68 -18.25 -2.41
N LYS A 49 -6.52 -19.32 -1.63
CA LYS A 49 -5.93 -20.53 -2.16
C LYS A 49 -6.90 -21.15 -3.15
N SER A 50 -6.36 -21.70 -4.24
CA SER A 50 -7.19 -22.33 -5.25
C SER A 50 -7.46 -23.80 -4.93
N ASP A 51 -8.18 -24.46 -5.84
CA ASP A 51 -8.41 -25.89 -5.75
C ASP A 51 -7.12 -26.70 -5.97
N THR A 52 -6.10 -26.10 -6.57
CA THR A 52 -4.82 -26.75 -6.81
C THR A 52 -3.75 -26.16 -5.91
N PRO A 53 -3.03 -26.98 -5.15
CA PRO A 53 -2.00 -26.45 -4.26
C PRO A 53 -0.91 -25.71 -5.02
N GLY A 54 -0.37 -24.68 -4.38
CA GLY A 54 0.64 -23.83 -4.99
C GLY A 54 0.11 -22.69 -5.83
N TYR A 55 -1.20 -22.61 -6.03
CA TYR A 55 -1.80 -21.60 -6.90
C TYR A 55 -2.93 -20.90 -6.18
N TYR A 56 -3.13 -19.63 -6.53
CA TYR A 56 -4.10 -18.79 -5.86
C TYR A 56 -5.05 -18.18 -6.87
N THR A 57 -6.20 -17.74 -6.39
CA THR A 57 -7.10 -16.92 -7.18
C THR A 57 -7.11 -15.50 -6.65
N ILE A 58 -7.46 -14.58 -7.54
CA ILE A 58 -7.48 -13.14 -7.26
C ILE A 58 -8.85 -12.65 -7.68
N GLY A 59 -9.70 -12.33 -6.72
CA GLY A 59 -11.11 -12.13 -6.98
C GLY A 59 -11.68 -10.83 -6.47
N ARG A 60 -12.68 -10.33 -7.19
CA ARG A 60 -13.50 -9.21 -6.80
C ARG A 60 -14.90 -9.41 -7.34
N GLU A 61 -15.90 -9.01 -6.55
CA GLU A 61 -17.27 -8.89 -7.07
C GLU A 61 -17.77 -10.21 -7.64
N SER A 62 -17.42 -11.31 -6.97
CA SER A 62 -17.79 -12.67 -7.37
C SER A 62 -17.15 -13.07 -8.70
N LYS A 63 -16.07 -12.40 -9.10
CA LYS A 63 -15.36 -12.72 -10.34
C LYS A 63 -13.89 -12.98 -10.01
N PHE A 64 -13.14 -13.43 -11.02
CA PHE A 64 -11.75 -13.85 -10.84
C PHE A 64 -10.86 -13.30 -11.94
N LEU A 65 -9.68 -12.83 -11.55
CA LEU A 65 -8.70 -12.32 -12.52
C LEU A 65 -8.13 -13.47 -13.34
N GLN A 66 -8.16 -13.33 -14.66
CA GLN A 66 -7.66 -14.38 -15.55
C GLN A 66 -6.81 -13.79 -16.65
N TYR A 67 -6.07 -14.66 -17.32
CA TYR A 67 -5.32 -14.31 -18.52
C TYR A 67 -5.57 -15.41 -19.55
N ASN A 68 -6.07 -15.02 -20.72
CA ASN A 68 -6.49 -16.02 -21.71
C ASN A 68 -5.49 -16.17 -22.85
N GLY A 69 -4.24 -15.72 -22.66
CA GLY A 69 -3.24 -15.74 -23.71
C GLY A 69 -3.26 -14.54 -24.62
N GLU A 70 -4.30 -13.70 -24.53
CA GLU A 70 -4.42 -12.46 -25.29
C GLU A 70 -4.48 -11.26 -24.36
N GLN A 71 -5.44 -11.23 -23.43
CA GLN A 71 -5.64 -10.07 -22.57
C GLN A 71 -5.90 -10.52 -21.14
N VAL A 72 -5.60 -9.63 -20.20
CA VAL A 72 -5.98 -9.83 -18.81
C VAL A 72 -7.41 -9.31 -18.62
N ILE A 73 -8.31 -10.20 -18.19
CA ILE A 73 -9.73 -9.89 -18.07
C ILE A 73 -10.27 -10.57 -16.83
N MET A 74 -11.52 -10.25 -16.48
CA MET A 74 -12.17 -10.93 -15.39
C MET A 74 -12.90 -12.17 -15.91
N SER A 75 -13.15 -13.11 -15.00
CA SER A 75 -13.89 -14.34 -15.31
C SER A 75 -14.98 -14.55 -14.27
N ASP A 76 -16.18 -14.93 -14.74
CA ASP A 76 -17.27 -15.22 -13.81
C ASP A 76 -17.01 -16.50 -13.02
N ILE A 77 -16.26 -17.43 -13.60
CA ILE A 77 -16.05 -18.77 -13.05
C ILE A 77 -14.56 -18.98 -12.80
N GLU A 78 -14.26 -19.83 -11.83
CA GLU A 78 -12.88 -20.22 -11.54
C GLU A 78 -12.42 -21.23 -12.58
N GLN A 79 -12.01 -20.72 -13.74
CA GLN A 79 -11.40 -21.53 -14.78
C GLN A 79 -9.92 -21.70 -14.49
N ASP A 80 -9.30 -22.64 -15.22
CA ASP A 80 -7.85 -22.86 -15.08
C ASP A 80 -7.07 -21.57 -15.32
N THR A 81 -7.57 -20.70 -16.21
CA THR A 81 -6.90 -19.44 -16.53
C THR A 81 -6.91 -18.46 -15.37
N THR A 82 -7.63 -18.74 -14.30
CA THR A 82 -7.67 -17.87 -13.12
C THR A 82 -6.62 -18.27 -12.08
N LEU A 83 -5.76 -19.24 -12.37
CA LEU A 83 -4.79 -19.72 -11.39
C LEU A 83 -3.47 -18.98 -11.53
N TRP A 84 -2.95 -18.48 -10.41
CA TRP A 84 -1.73 -17.67 -10.36
C TRP A 84 -0.80 -18.23 -9.28
N SER A 85 0.49 -18.25 -9.58
CA SER A 85 1.48 -18.59 -8.56
C SER A 85 2.25 -17.34 -8.18
N LEU A 86 2.86 -17.38 -7.00
CA LEU A 86 3.69 -16.30 -6.47
C LEU A 86 5.16 -16.65 -6.62
N GLU A 87 5.94 -15.71 -7.12
CA GLU A 87 7.40 -15.84 -7.19
C GLU A 87 8.03 -14.63 -6.51
N GLU A 88 8.73 -14.86 -5.39
CA GLU A 88 9.38 -13.77 -4.69
C GLU A 88 10.35 -13.03 -5.60
N VAL A 89 10.43 -11.72 -5.43
CA VAL A 89 11.34 -10.87 -6.19
C VAL A 89 12.68 -10.83 -5.46
N PRO A 90 13.77 -11.29 -6.08
CA PRO A 90 15.00 -11.56 -5.32
C PRO A 90 15.49 -10.43 -4.43
N GLU A 91 15.53 -9.20 -4.92
CA GLU A 91 16.14 -8.12 -4.16
C GLU A 91 15.13 -7.23 -3.44
N ASP A 92 13.84 -7.60 -3.47
CA ASP A 92 12.76 -6.78 -2.89
C ASP A 92 11.88 -7.68 -2.02
N LYS A 93 12.33 -7.98 -0.81
CA LYS A 93 11.51 -8.70 0.16
C LYS A 93 10.15 -8.04 0.28
N GLY A 94 9.10 -8.86 0.27
CA GLY A 94 7.74 -8.38 0.33
C GLY A 94 7.06 -8.24 -1.01
N PHE A 95 7.80 -8.28 -2.11
CA PHE A 95 7.25 -8.14 -3.44
C PHE A 95 7.28 -9.48 -4.17
N TYR A 96 6.31 -9.68 -5.06
CA TYR A 96 6.13 -10.93 -5.78
C TYR A 96 5.82 -10.65 -7.23
N ARG A 97 6.28 -11.54 -8.10
CA ARG A 97 5.70 -11.65 -9.43
C ARG A 97 4.51 -12.60 -9.35
N LEU A 98 3.48 -12.31 -10.14
CA LEU A 98 2.29 -13.14 -10.21
C LEU A 98 2.32 -13.85 -11.54
N LEU A 99 2.46 -15.17 -11.52
CA LEU A 99 2.69 -15.98 -12.72
C LEU A 99 1.42 -16.74 -13.08
N ASN A 100 0.87 -16.46 -14.25
CA ASN A 100 -0.32 -17.19 -14.68
C ASN A 100 0.07 -18.63 -14.98
N LYS A 101 -0.67 -19.58 -14.39
CA LYS A 101 -0.33 -20.99 -14.55
C LYS A 101 -0.45 -21.44 -16.01
N VAL A 102 -1.60 -21.19 -16.64
CA VAL A 102 -1.87 -21.77 -17.95
C VAL A 102 -0.92 -21.22 -19.01
N HIS A 103 -0.66 -19.91 -18.97
CA HIS A 103 0.09 -19.26 -20.03
C HIS A 103 1.50 -18.83 -19.63
N LYS A 104 1.90 -19.08 -18.38
CA LYS A 104 3.26 -18.79 -17.92
C LYS A 104 3.64 -17.34 -18.23
N ALA A 105 2.73 -16.42 -17.91
CA ALA A 105 2.94 -15.01 -18.16
C ALA A 105 2.75 -14.23 -16.87
N TYR A 106 3.60 -13.23 -16.66
CA TYR A 106 3.60 -12.43 -15.44
C TYR A 106 2.64 -11.26 -15.53
N LEU A 107 1.87 -11.05 -14.47
CA LEU A 107 1.01 -9.87 -14.40
C LEU A 107 1.87 -8.62 -14.46
N ASP A 108 1.42 -7.68 -15.27
CA ASP A 108 2.22 -6.54 -15.70
C ASP A 108 1.25 -5.40 -15.92
N TYR A 109 1.77 -4.25 -16.35
CA TYR A 109 0.88 -3.14 -16.67
C TYR A 109 1.49 -2.32 -17.79
N ASN A 110 0.62 -1.64 -18.53
CA ASN A 110 1.04 -0.72 -19.58
C ASN A 110 0.05 0.45 -19.54
N GLY A 111 0.51 1.61 -19.10
CA GLY A 111 -0.43 2.69 -18.86
C GLY A 111 -1.41 2.31 -17.78
N GLY A 112 -2.69 2.51 -18.05
CA GLY A 112 -3.75 2.19 -17.12
C GLY A 112 -4.28 0.78 -17.20
N ASP A 113 -3.71 -0.07 -18.06
CA ASP A 113 -4.23 -1.40 -18.31
C ASP A 113 -3.34 -2.47 -17.69
N LEU A 114 -3.96 -3.52 -17.19
CA LEU A 114 -3.23 -4.72 -16.79
C LEU A 114 -2.94 -5.55 -18.03
N VAL A 115 -1.70 -6.04 -18.12
CA VAL A 115 -1.28 -6.92 -19.20
C VAL A 115 -0.49 -8.08 -18.60
N ALA A 116 -0.02 -8.97 -19.47
CA ALA A 116 0.84 -10.06 -19.02
C ALA A 116 1.96 -10.24 -20.03
N ASN A 117 3.11 -10.68 -19.52
CA ASN A 117 4.36 -10.71 -20.25
C ASN A 117 5.12 -11.95 -19.81
N LYS A 118 5.61 -12.73 -20.77
CA LYS A 118 6.31 -13.95 -20.42
C LYS A 118 7.76 -13.70 -19.97
N HIS A 119 8.34 -12.55 -20.28
CA HIS A 119 9.68 -12.21 -19.83
C HIS A 119 9.62 -11.42 -18.53
N GLN A 120 10.60 -11.66 -17.65
CA GLN A 120 10.68 -10.90 -16.40
C GLN A 120 11.14 -9.48 -16.68
N THR A 121 10.41 -8.50 -16.17
CA THR A 121 10.71 -7.09 -16.39
C THR A 121 10.55 -6.35 -15.07
N GLU A 122 10.95 -5.07 -15.08
CA GLU A 122 10.95 -4.22 -13.88
C GLU A 122 9.54 -3.81 -13.44
N SER A 123 8.52 -4.02 -14.27
CA SER A 123 7.18 -3.54 -13.95
C SER A 123 6.27 -4.65 -13.43
N GLU A 124 6.84 -5.79 -13.03
CA GLU A 124 6.06 -6.96 -12.66
C GLU A 124 6.06 -7.25 -11.16
N LYS A 125 6.50 -6.29 -10.34
CA LYS A 125 6.68 -6.52 -8.92
C LYS A 125 5.48 -5.99 -8.16
N TRP A 126 4.78 -6.87 -7.44
CA TRP A 126 3.58 -6.50 -6.71
C TRP A 126 3.72 -6.76 -5.22
N ILE A 127 3.19 -5.86 -4.40
CA ILE A 127 3.02 -6.10 -2.97
C ILE A 127 1.53 -6.28 -2.69
N LEU A 128 1.20 -7.36 -2.02
CA LEU A 128 -0.18 -7.70 -1.69
C LEU A 128 -0.34 -7.49 -0.20
N PHE A 129 -0.99 -6.39 0.19
CA PHE A 129 -1.04 -6.04 1.60
C PHE A 129 -2.47 -6.03 2.11
N LYS A 130 -2.60 -6.40 3.39
CA LYS A 130 -3.92 -6.50 4.01
C LYS A 130 -4.70 -5.19 3.87
N ALA A 131 -5.96 -5.32 3.49
CA ALA A 131 -6.77 -4.11 3.37
C ALA A 131 -7.19 -3.59 4.73
N TYR A 132 -7.31 -4.46 5.73
CA TYR A 132 -7.82 -4.08 7.03
C TYR A 132 -6.86 -4.50 8.14
N ILE B 9 2.08 -3.08 12.87
CA ILE B 9 3.22 -3.00 13.79
C ILE B 9 4.50 -3.52 13.15
N GLY B 10 5.61 -2.82 13.38
CA GLY B 10 6.89 -3.22 12.82
C GLY B 10 7.22 -2.40 11.59
N LYS B 11 7.92 -3.01 10.63
CA LYS B 11 8.27 -2.29 9.41
C LYS B 11 7.03 -2.12 8.54
N CYS B 12 6.78 -0.89 8.08
CA CYS B 12 5.56 -0.63 7.33
CA CYS B 12 5.54 -0.59 7.38
C CYS B 12 5.74 0.55 6.39
N TYR B 13 4.87 0.59 5.38
CA TYR B 13 4.68 1.78 4.57
C TYR B 13 3.51 2.57 5.17
N ILE B 14 3.52 3.90 4.97
CA ILE B 14 2.51 4.79 5.52
C ILE B 14 1.96 5.57 4.34
N GLN B 15 0.81 5.13 3.82
CA GLN B 15 0.31 5.59 2.54
C GLN B 15 -0.99 6.38 2.72
N ASN B 16 -1.12 7.47 1.97
CA ASN B 16 -2.26 8.37 2.12
C ASN B 16 -3.40 7.94 1.20
N ARG B 17 -4.62 7.92 1.74
CA ARG B 17 -5.76 7.52 0.94
C ARG B 17 -6.01 8.47 -0.23
N GLU B 18 -5.76 9.77 -0.04
CA GLU B 18 -6.22 10.76 -1.01
CA GLU B 18 -6.23 10.76 -1.02
C GLU B 18 -5.43 10.69 -2.31
N ASN B 19 -4.12 10.50 -2.23
CA ASN B 19 -3.29 10.51 -3.42
C ASN B 19 -2.42 9.27 -3.58
N GLY B 20 -2.51 8.30 -2.67
CA GLY B 20 -1.66 7.14 -2.76
C GLY B 20 -0.20 7.41 -2.46
N GLY B 21 0.13 8.62 -1.98
CA GLY B 21 1.50 8.96 -1.67
C GLY B 21 1.94 8.36 -0.35
N ARG B 22 3.25 8.12 -0.22
CA ARG B 22 3.81 7.51 0.97
C ARG B 22 4.77 8.47 1.67
N ALA B 23 4.67 8.49 3.00
CA ALA B 23 5.64 9.23 3.79
C ALA B 23 7.03 8.65 3.62
N PHE B 24 8.04 9.52 3.57
CA PHE B 24 9.41 9.04 3.45
C PHE B 24 10.33 9.92 4.27
N TYR B 25 11.46 9.35 4.68
CA TYR B 25 12.55 10.14 5.24
C TYR B 25 13.85 9.65 4.64
N ASN B 26 14.54 10.53 3.93
CA ASN B 26 15.79 10.17 3.27
C ASN B 26 16.93 10.68 4.13
N LEU B 27 17.66 9.76 4.77
CA LEU B 27 18.72 10.20 5.67
C LEU B 27 19.88 10.83 4.89
N GLY B 28 20.13 10.35 3.68
CA GLY B 28 21.24 10.84 2.89
C GLY B 28 21.17 12.33 2.55
N ARG B 29 19.97 12.90 2.50
CA ARG B 29 19.83 14.34 2.30
C ARG B 29 18.96 14.99 3.37
N LYS B 30 18.67 14.27 4.45
CA LYS B 30 17.80 14.76 5.54
C LYS B 30 16.52 15.38 4.99
N ASP B 31 15.82 14.60 4.16
CA ASP B 31 14.62 15.05 3.44
C ASP B 31 13.42 14.26 3.96
N LEU B 32 12.47 14.98 4.56
CA LEU B 32 11.23 14.40 5.03
C LEU B 32 10.10 14.85 4.09
N GLY B 33 9.22 13.93 3.71
CA GLY B 33 8.13 14.35 2.87
C GLY B 33 7.15 13.24 2.58
N ILE B 34 6.34 13.48 1.54
CA ILE B 34 5.43 12.48 0.99
C ILE B 34 5.71 12.39 -0.50
N PHE B 35 5.68 11.18 -1.04
CA PHE B 35 6.04 10.95 -2.44
C PHE B 35 5.02 10.04 -3.09
N THR B 36 4.54 10.44 -4.27
CA THR B 36 3.67 9.61 -5.08
C THR B 36 4.47 9.04 -6.24
N GLY B 37 4.45 7.71 -6.36
CA GLY B 37 5.21 7.05 -7.41
C GLY B 37 5.88 5.78 -6.93
N LYS B 38 7.13 5.58 -7.37
CA LYS B 38 7.86 4.35 -7.06
C LYS B 38 8.01 4.14 -5.56
N MET B 39 8.02 2.87 -5.16
CA MET B 39 8.11 2.47 -3.74
C MET B 39 9.58 2.28 -3.32
N TYR B 40 10.21 3.40 -2.98
CA TYR B 40 11.59 3.40 -2.53
C TYR B 40 11.73 2.94 -1.08
N ASP B 41 12.91 2.39 -0.75
CA ASP B 41 13.15 1.85 0.58
C ASP B 41 13.13 2.93 1.67
N ASP B 42 13.35 4.21 1.33
CA ASP B 42 13.23 5.25 2.35
C ASP B 42 11.78 5.56 2.73
N GLN B 43 10.82 4.81 2.18
CA GLN B 43 9.43 4.89 2.59
C GLN B 43 9.06 3.81 3.61
N ILE B 44 10.03 3.04 4.10
CA ILE B 44 9.77 1.96 5.07
C ILE B 44 10.06 2.49 6.46
N TRP B 45 9.04 2.45 7.33
CA TRP B 45 9.08 3.00 8.68
C TRP B 45 8.96 1.90 9.72
N SER B 46 9.44 2.19 10.92
CA SER B 46 9.24 1.32 12.07
C SER B 46 8.10 1.87 12.91
N PHE B 47 6.99 1.16 12.94
CA PHE B 47 5.80 1.58 13.67
C PHE B 47 5.72 0.75 14.94
N GLN B 48 6.00 1.39 16.09
CA GLN B 48 6.14 0.71 17.37
C GLN B 48 5.21 1.30 18.40
N LYS B 49 4.69 0.46 19.29
CA LYS B 49 3.89 0.95 20.41
C LYS B 49 4.81 1.60 21.43
N SER B 50 4.35 2.70 22.01
CA SER B 50 5.16 3.45 22.96
C SER B 50 4.88 2.98 24.38
N ASP B 51 5.48 3.66 25.36
CA ASP B 51 5.22 3.33 26.77
C ASP B 51 3.78 3.62 27.14
N THR B 52 3.21 4.70 26.60
CA THR B 52 1.87 5.12 26.95
C THR B 52 0.84 4.33 26.15
N PRO B 53 -0.13 3.69 26.82
CA PRO B 53 -1.13 2.91 26.08
C PRO B 53 -1.86 3.76 25.05
N GLY B 54 -2.13 3.16 23.90
CA GLY B 54 -2.81 3.86 22.83
C GLY B 54 -1.97 4.82 22.01
N TYR B 55 -0.67 4.92 22.27
CA TYR B 55 0.18 5.83 21.51
C TYR B 55 1.36 5.08 20.91
N TYR B 56 1.83 5.55 19.76
CA TYR B 56 2.86 4.88 18.99
C TYR B 56 3.95 5.85 18.57
N THR B 57 5.11 5.30 18.21
CA THR B 57 6.16 6.07 17.57
C THR B 57 6.33 5.60 16.13
N ILE B 58 6.77 6.54 15.30
CA ILE B 58 6.95 6.34 13.88
C ILE B 58 8.39 6.72 13.58
N GLY B 59 9.20 5.76 13.17
CA GLY B 59 10.63 5.95 13.17
C GLY B 59 11.31 5.43 11.92
N ARG B 60 12.45 6.02 11.61
CA ARG B 60 13.35 5.59 10.55
C ARG B 60 14.73 6.05 10.96
N GLU B 61 15.74 5.22 10.68
CA GLU B 61 17.13 5.69 10.73
C GLU B 61 17.49 6.25 12.10
N SER B 62 17.00 5.59 13.16
CA SER B 62 17.23 5.97 14.56
C SER B 62 16.61 7.32 14.93
N LYS B 63 15.69 7.82 14.12
CA LYS B 63 15.00 9.07 14.39
C LYS B 63 13.51 8.80 14.52
N PHE B 64 12.78 9.76 15.05
CA PHE B 64 11.34 9.62 15.27
C PHE B 64 10.60 10.79 14.67
N LEU B 65 9.46 10.50 14.05
CA LEU B 65 8.59 11.54 13.52
C LEU B 65 7.98 12.33 14.66
N GLN B 66 8.13 13.65 14.64
CA GLN B 66 7.62 14.49 15.72
C GLN B 66 6.95 15.73 15.14
N TYR B 67 6.11 16.35 15.96
CA TYR B 67 5.51 17.63 15.61
C TYR B 67 5.76 18.58 16.77
N ASN B 68 6.41 19.71 16.50
CA ASN B 68 6.84 20.61 17.57
C ASN B 68 5.96 21.85 17.70
N GLY B 69 4.75 21.81 17.15
CA GLY B 69 3.87 22.98 17.12
C GLY B 69 4.13 23.94 15.98
N GLU B 70 5.27 23.85 15.30
CA GLU B 70 5.57 24.67 14.13
C GLU B 70 5.80 23.84 12.87
N GLN B 71 6.43 22.68 12.99
CA GLN B 71 6.76 21.85 11.85
C GLN B 71 6.74 20.39 12.24
N VAL B 72 6.46 19.53 11.27
CA VAL B 72 6.69 18.10 11.37
C VAL B 72 8.13 17.84 10.97
N ILE B 73 8.90 17.25 11.87
CA ILE B 73 10.32 17.02 11.66
C ILE B 73 10.70 15.66 12.21
N MET B 74 11.94 15.26 11.92
CA MET B 74 12.52 14.04 12.48
C MET B 74 13.38 14.43 13.67
N SER B 75 13.27 13.65 14.74
CA SER B 75 13.96 13.92 15.99
C SER B 75 14.85 12.74 16.35
N ASP B 76 16.08 13.03 16.79
CA ASP B 76 16.92 11.96 17.34
C ASP B 76 16.43 11.49 18.70
N ILE B 77 15.59 12.30 19.35
CA ILE B 77 15.22 12.14 20.75
C ILE B 77 13.82 11.57 20.81
N GLU B 78 13.62 10.54 21.64
CA GLU B 78 12.29 9.99 21.89
C GLU B 78 11.64 10.83 22.98
N GLN B 79 11.06 11.95 22.58
CA GLN B 79 10.40 12.88 23.49
C GLN B 79 8.89 12.84 23.30
N ASP B 80 8.20 13.65 24.11
CA ASP B 80 6.73 13.66 24.15
C ASP B 80 6.12 13.83 22.76
N THR B 81 6.67 14.75 21.97
CA THR B 81 6.13 15.11 20.67
C THR B 81 6.26 14.02 19.62
N THR B 82 6.89 12.89 19.93
CA THR B 82 6.97 11.76 19.02
C THR B 82 5.82 10.76 19.20
N LEU B 83 4.85 11.07 20.06
CA LEU B 83 3.74 10.16 20.35
C LEU B 83 2.54 10.45 19.44
N TRP B 84 2.03 9.41 18.81
CA TRP B 84 0.89 9.49 17.89
C TRP B 84 -0.14 8.42 18.21
N SER B 85 -1.41 8.80 18.17
CA SER B 85 -2.50 7.86 18.30
C SER B 85 -3.20 7.63 16.96
N LEU B 86 -3.82 6.47 16.82
CA LEU B 86 -4.59 6.10 15.64
C LEU B 86 -6.05 6.42 15.89
N GLU B 87 -6.69 7.11 14.95
CA GLU B 87 -8.08 7.50 15.09
C GLU B 87 -8.87 6.90 13.93
N GLU B 88 -9.79 6.01 14.27
CA GLU B 88 -10.57 5.30 13.26
C GLU B 88 -11.31 6.26 12.33
N VAL B 89 -11.43 5.85 11.08
CA VAL B 89 -12.26 6.54 10.09
C VAL B 89 -13.33 5.57 9.63
N PRO B 90 -14.53 5.62 10.22
CA PRO B 90 -15.55 4.59 9.94
C PRO B 90 -15.95 4.48 8.48
N GLU B 91 -15.97 5.59 7.73
CA GLU B 91 -16.38 5.54 6.33
C GLU B 91 -15.36 4.83 5.46
N ASP B 92 -14.10 4.74 5.90
CA ASP B 92 -13.00 4.20 5.10
C ASP B 92 -12.32 3.11 5.92
N LYS B 93 -12.90 1.92 5.92
CA LYS B 93 -12.37 0.84 6.74
C LYS B 93 -10.91 0.55 6.40
N GLY B 94 -10.10 0.40 7.43
CA GLY B 94 -8.66 0.18 7.28
C GLY B 94 -7.81 1.43 7.28
N PHE B 95 -8.41 2.62 7.31
CA PHE B 95 -7.69 3.88 7.32
C PHE B 95 -7.80 4.56 8.67
N TYR B 96 -6.80 5.36 9.00
CA TYR B 96 -6.70 6.02 10.31
C TYR B 96 -6.15 7.42 10.14
N ARG B 97 -6.61 8.32 10.99
CA ARG B 97 -5.87 9.57 11.19
C ARG B 97 -4.82 9.34 12.26
N LEU B 98 -3.72 10.06 12.12
CA LEU B 98 -2.59 9.97 13.03
C LEU B 98 -2.56 11.28 13.82
N LEU B 99 -2.84 11.21 15.12
CA LEU B 99 -3.07 12.38 15.94
C LEU B 99 -1.91 12.55 16.92
N ASN B 100 -1.22 13.68 16.83
CA ASN B 100 -0.10 13.95 17.72
C ASN B 100 -0.61 14.17 19.13
N LYS B 101 0.01 13.49 20.10
CA LYS B 101 -0.48 13.55 21.47
C LYS B 101 -0.32 14.95 22.06
N VAL B 102 0.87 15.52 21.96
CA VAL B 102 1.16 16.75 22.68
C VAL B 102 0.37 17.91 22.09
N HIS B 103 0.36 18.05 20.77
CA HIS B 103 -0.26 19.23 20.16
C HIS B 103 -1.65 18.97 19.59
N LYS B 104 -2.16 17.74 19.67
CA LYS B 104 -3.49 17.39 19.16
C LYS B 104 -3.71 17.95 17.76
N ALA B 105 -2.84 17.54 16.84
CA ALA B 105 -2.99 17.87 15.43
C ALA B 105 -2.72 16.61 14.63
N TYR B 106 -3.39 16.50 13.47
CA TYR B 106 -3.31 15.31 12.62
C TYR B 106 -2.18 15.41 11.61
N LEU B 107 -1.50 14.29 11.37
CA LEU B 107 -0.53 14.24 10.29
C LEU B 107 -1.25 14.39 8.96
N ASP B 108 -0.72 15.28 8.12
CA ASP B 108 -1.38 15.79 6.92
C ASP B 108 -0.29 15.98 5.88
N TYR B 109 -0.65 16.39 4.66
CA TYR B 109 0.39 16.78 3.71
C TYR B 109 -0.02 18.05 3.00
N ASN B 110 0.98 18.79 2.54
CA ASN B 110 0.76 19.96 1.69
C ASN B 110 1.84 19.90 0.63
N GLY B 111 1.42 19.64 -0.62
CA GLY B 111 2.39 19.32 -1.65
C GLY B 111 3.20 18.11 -1.24
N GLY B 112 4.52 18.24 -1.30
CA GLY B 112 5.36 17.13 -0.96
C GLY B 112 5.83 17.14 0.47
N ASP B 113 5.28 18.02 1.31
CA ASP B 113 5.70 18.17 2.69
C ASP B 113 4.68 17.54 3.63
N LEU B 114 5.17 16.92 4.70
CA LEU B 114 4.31 16.53 5.82
C LEU B 114 4.05 17.74 6.70
N VAL B 115 2.78 17.92 7.08
CA VAL B 115 2.35 19.02 7.93
C VAL B 115 1.37 18.48 8.97
N ALA B 116 1.01 19.34 9.91
CA ALA B 116 0.03 19.00 10.92
C ALA B 116 -1.15 19.96 10.82
N ASN B 117 -2.33 19.48 11.18
CA ASN B 117 -3.56 20.25 11.02
C ASN B 117 -4.56 19.78 12.07
N LYS B 118 -5.11 20.73 12.84
CA LYS B 118 -6.14 20.35 13.81
C LYS B 118 -7.50 20.12 13.16
N HIS B 119 -7.75 20.72 12.00
CA HIS B 119 -8.99 20.48 11.29
C HIS B 119 -9.01 19.06 10.74
N GLN B 120 -10.21 18.51 10.60
CA GLN B 120 -10.35 17.18 10.01
C GLN B 120 -10.61 17.34 8.52
N THR B 121 -9.68 16.85 7.70
CA THR B 121 -9.69 17.03 6.26
C THR B 121 -9.53 15.68 5.57
N GLU B 122 -9.80 15.67 4.27
CA GLU B 122 -9.73 14.43 3.49
C GLU B 122 -8.31 13.96 3.25
N SER B 123 -7.29 14.78 3.51
CA SER B 123 -5.91 14.40 3.26
C SER B 123 -5.19 13.81 4.47
N GLU B 124 -5.92 13.52 5.55
CA GLU B 124 -5.35 13.01 6.78
C GLU B 124 -5.55 11.52 6.99
N LYS B 125 -6.03 10.79 5.98
CA LYS B 125 -6.36 9.39 6.16
C LYS B 125 -5.23 8.52 5.65
N TRP B 126 -4.66 7.70 6.53
CA TRP B 126 -3.49 6.88 6.21
C TRP B 126 -3.79 5.40 6.40
N ILE B 127 -3.14 4.59 5.59
CA ILE B 127 -3.13 3.14 5.80
C ILE B 127 -1.69 2.72 6.03
N LEU B 128 -1.48 1.96 7.10
CA LEU B 128 -0.15 1.47 7.46
C LEU B 128 -0.11 -0.01 7.16
N PHE B 129 0.76 -0.42 6.23
CA PHE B 129 0.79 -1.81 5.82
C PHE B 129 2.21 -2.38 5.85
N LYS B 130 2.29 -3.68 6.12
CA LYS B 130 3.58 -4.36 6.31
C LYS B 130 4.49 -4.20 5.09
N ALA B 131 5.74 -3.86 5.34
CA ALA B 131 6.66 -3.67 4.22
C ALA B 131 7.10 -5.02 3.63
N TYR B 132 7.28 -6.02 4.47
CA TYR B 132 7.76 -7.33 3.97
C TYR B 132 6.74 -8.43 4.25
#